data_2FEX
#
_entry.id   2FEX
#
_cell.length_a   89.411
_cell.length_b   89.411
_cell.length_c   163.486
_cell.angle_alpha   90.00
_cell.angle_beta   90.00
_cell.angle_gamma   90.00
#
_symmetry.space_group_name_H-M   'P 41 21 2'
#
loop_
_entity.id
_entity.type
_entity.pdbx_description
1 polymer 'conserved hypothetical protein'
2 non-polymer 'SULFATE ION'
3 non-polymer GLYCEROL
4 water water
#
_entity_poly.entity_id   1
_entity_poly.type   'polypeptide(L)'
_entity_poly.pdbx_seq_one_letter_code
;(MSE)TRIAIALAQDFADWEPALLAAAARSYLGVEIVHATPDG(MSE)PVTS(MSE)GGLKVTPDTSYDALDPVDIDALV
IPGGLSWEKGTAADLGGLVKRFRDRDRLVAGICAAASALGGTGVLNDVAHTGNALASHKAYPAYRGEAHYRDQPRAVSDG
GVVTAAGSAPVSFAVEILKSLGLFGPEAEAELQIFAAEHR
;
_entity_poly.pdbx_strand_id   A,B,C
#
# COMPACT_ATOMS: atom_id res chain seq x y z
N THR A 2 10.69 17.23 -29.79
CA THR A 2 10.19 15.88 -29.82
C THR A 2 8.81 15.93 -29.16
N ARG A 3 7.85 15.23 -29.75
CA ARG A 3 6.49 15.20 -29.20
CA ARG A 3 6.48 15.20 -29.22
C ARG A 3 6.02 13.74 -29.12
N ILE A 4 5.43 13.38 -27.98
CA ILE A 4 5.03 11.99 -27.80
C ILE A 4 3.55 12.05 -27.49
N ALA A 5 2.76 11.22 -28.17
CA ALA A 5 1.33 11.08 -27.86
C ALA A 5 1.17 9.88 -26.91
N ILE A 6 0.40 10.10 -25.87
CA ILE A 6 0.12 9.02 -24.91
C ILE A 6 -1.38 8.76 -25.00
N ALA A 7 -1.73 7.56 -25.45
CA ALA A 7 -3.13 7.22 -25.74
C ALA A 7 -3.76 6.61 -24.49
N LEU A 8 -4.41 7.47 -23.70
CA LEU A 8 -5.14 7.04 -22.49
C LEU A 8 -6.47 6.41 -22.86
N ALA A 9 -7.09 5.82 -21.83
CA ALA A 9 -8.43 5.25 -21.99
C ALA A 9 -8.98 5.11 -20.61
N GLN A 10 -10.27 4.85 -20.55
CA GLN A 10 -10.91 4.56 -19.27
CA GLN A 10 -10.90 4.57 -19.27
C GLN A 10 -10.15 3.40 -18.60
N ASP A 11 -9.91 3.55 -17.29
CA ASP A 11 -9.27 2.50 -16.48
C ASP A 11 -7.83 2.27 -16.94
N PHE A 12 -7.14 3.32 -17.43
CA PHE A 12 -5.71 3.13 -17.77
C PHE A 12 -4.88 2.88 -16.51
N ALA A 13 -3.79 2.11 -16.70
CA ALA A 13 -2.92 1.73 -15.57
C ALA A 13 -2.02 2.94 -15.22
N ASP A 14 -2.30 3.56 -14.07
CA ASP A 14 -1.61 4.83 -13.71
C ASP A 14 -0.10 4.70 -13.76
N TRP A 15 0.42 3.52 -13.34
CA TRP A 15 1.89 3.40 -13.16
C TRP A 15 2.62 3.17 -14.51
N GLU A 16 1.88 2.99 -15.63
CA GLU A 16 2.52 2.52 -16.83
C GLU A 16 3.11 3.64 -17.70
N PRO A 17 2.42 4.78 -17.84
CA PRO A 17 3.03 5.85 -18.63
C PRO A 17 3.62 6.96 -17.78
N ALA A 18 3.59 6.78 -16.46
CA ALA A 18 3.88 7.87 -15.55
C ALA A 18 5.33 8.34 -15.54
N LEU A 19 6.23 7.40 -15.35
CA LEU A 19 7.65 7.74 -15.36
C LEU A 19 8.11 8.35 -16.72
N LEU A 20 7.66 7.74 -17.82
CA LEU A 20 8.02 8.26 -19.13
CA LEU A 20 8.00 8.24 -19.15
C LEU A 20 7.52 9.68 -19.29
N ALA A 21 6.23 9.93 -19.02
CA ALA A 21 5.70 11.26 -19.26
C ALA A 21 6.38 12.29 -18.35
N ALA A 22 6.52 11.94 -17.06
CA ALA A 22 7.06 12.93 -16.12
C ALA A 22 8.51 13.28 -16.46
N ALA A 23 9.35 12.27 -16.76
CA ALA A 23 10.77 12.52 -17.04
C ALA A 23 10.92 13.24 -18.37
N ALA A 24 10.22 12.75 -19.39
CA ALA A 24 10.29 13.37 -20.73
C ALA A 24 9.90 14.84 -20.68
N ARG A 25 8.79 15.16 -20.02
CA ARG A 25 8.23 16.49 -20.09
C ARG A 25 8.99 17.44 -19.14
N SER A 26 9.27 16.94 -17.93
CA SER A 26 9.82 17.81 -16.88
C SER A 26 11.32 17.95 -16.93
N TYR A 27 12.02 16.93 -17.44
CA TYR A 27 13.50 16.92 -17.47
C TYR A 27 14.14 17.00 -18.85
N LEU A 28 13.44 16.52 -19.88
CA LEU A 28 14.05 16.28 -21.20
C LEU A 28 13.46 17.18 -22.31
N GLY A 29 12.56 18.10 -21.94
CA GLY A 29 12.03 19.11 -22.89
C GLY A 29 11.12 18.55 -23.98
N VAL A 30 10.54 17.38 -23.71
CA VAL A 30 9.62 16.71 -24.66
C VAL A 30 8.21 17.24 -24.45
N GLU A 31 7.45 17.44 -25.55
CA GLU A 31 6.05 17.84 -25.42
CA GLU A 31 6.04 17.84 -25.43
C GLU A 31 5.21 16.57 -25.35
N ILE A 32 4.30 16.52 -24.39
CA ILE A 32 3.44 15.31 -24.23
C ILE A 32 2.05 15.72 -24.63
N VAL A 33 1.46 14.93 -25.52
CA VAL A 33 0.06 15.10 -25.91
C VAL A 33 -0.72 13.90 -25.35
N HIS A 34 -1.67 14.14 -24.46
CA HIS A 34 -2.50 13.06 -23.96
C HIS A 34 -3.79 13.04 -24.78
N ALA A 35 -4.19 11.84 -25.16
CA ALA A 35 -5.42 11.64 -25.95
C ALA A 35 -6.30 10.55 -25.37
N THR A 36 -7.63 10.64 -25.59
CA THR A 36 -8.56 9.56 -25.25
C THR A 36 -9.32 9.27 -26.56
N PRO A 37 -10.00 8.11 -26.62
CA PRO A 37 -10.69 7.72 -27.87
C PRO A 37 -11.65 8.79 -28.36
N ASP A 38 -12.41 9.41 -27.46
CA ASP A 38 -13.41 10.42 -27.90
C ASP A 38 -13.00 11.87 -27.58
N GLY A 39 -11.78 12.05 -27.02
CA GLY A 39 -11.30 13.38 -26.68
C GLY A 39 -11.84 13.92 -25.37
N PRO A 41 -12.83 13.35 -21.02
CA PRO A 41 -12.09 12.84 -19.85
C PRO A 41 -12.24 11.31 -19.69
N VAL A 42 -11.24 10.76 -19.01
CA VAL A 42 -11.32 9.38 -18.57
C VAL A 42 -10.82 9.26 -17.13
N THR A 43 -11.14 8.14 -16.49
CA THR A 43 -10.72 7.94 -15.06
C THR A 43 -9.70 6.81 -15.03
N SER A 44 -8.55 7.05 -14.43
CA SER A 44 -7.52 5.99 -14.38
C SER A 44 -7.94 4.89 -13.40
N GLY A 46 -6.49 4.26 -10.77
CA GLY A 46 -6.29 4.91 -9.46
C GLY A 46 -7.28 6.02 -9.15
N GLY A 47 -8.25 6.25 -10.04
CA GLY A 47 -9.30 7.25 -9.80
C GLY A 47 -8.99 8.65 -10.32
N LEU A 48 -7.83 8.87 -10.93
CA LEU A 48 -7.55 10.23 -11.47
C LEU A 48 -8.59 10.55 -12.55
N LYS A 49 -9.23 11.73 -12.45
CA LYS A 49 -10.13 12.21 -13.55
C LYS A 49 -9.31 13.10 -14.49
N VAL A 50 -8.91 12.53 -15.62
CA VAL A 50 -7.99 13.20 -16.53
C VAL A 50 -8.70 13.81 -17.74
N THR A 51 -8.47 15.11 -17.97
CA THR A 51 -8.99 15.74 -19.21
C THR A 51 -7.80 15.69 -20.17
N PRO A 52 -7.95 14.99 -21.31
CA PRO A 52 -6.85 14.91 -22.27
C PRO A 52 -6.74 16.20 -23.12
N ASP A 53 -5.68 16.28 -23.91
CA ASP A 53 -5.53 17.34 -24.88
C ASP A 53 -6.39 17.17 -26.12
N THR A 54 -6.56 15.90 -26.55
CA THR A 54 -7.19 15.68 -27.84
C THR A 54 -7.78 14.27 -27.93
N SER A 55 -8.30 13.92 -29.13
CA SER A 55 -8.88 12.59 -29.34
C SER A 55 -7.88 11.79 -30.19
N TYR A 56 -8.09 10.47 -30.22
CA TYR A 56 -7.23 9.59 -31.03
C TYR A 56 -7.28 10.02 -32.50
N ASP A 57 -8.47 10.40 -32.99
CA ASP A 57 -8.61 10.62 -34.42
CA ASP A 57 -8.70 10.77 -34.38
C ASP A 57 -7.91 11.94 -34.83
N ALA A 58 -7.54 12.77 -33.87
CA ALA A 58 -6.81 13.99 -34.19
C ALA A 58 -5.29 13.83 -34.11
N LEU A 59 -4.82 12.67 -33.70
CA LEU A 59 -3.37 12.50 -33.59
C LEU A 59 -2.78 12.33 -35.01
N ASP A 60 -1.84 13.21 -35.37
CA ASP A 60 -1.30 13.20 -36.72
C ASP A 60 0.22 12.92 -36.61
N PRO A 61 0.67 11.81 -37.20
CA PRO A 61 2.10 11.45 -37.08
C PRO A 61 3.03 12.42 -37.81
N VAL A 62 2.51 13.32 -38.67
CA VAL A 62 3.36 14.33 -39.28
CA VAL A 62 3.35 14.36 -39.28
C VAL A 62 4.07 15.14 -38.18
N ASP A 63 3.37 15.35 -37.06
CA ASP A 63 3.70 16.25 -35.99
CA ASP A 63 3.97 16.21 -36.04
C ASP A 63 4.13 15.53 -34.68
N ILE A 64 3.97 14.21 -34.66
CA ILE A 64 4.16 13.47 -33.39
C ILE A 64 5.16 12.34 -33.65
N ASP A 65 6.22 12.32 -32.85
CA ASP A 65 7.34 11.40 -33.02
C ASP A 65 7.08 9.94 -32.54
N ALA A 66 6.15 9.78 -31.60
CA ALA A 66 5.94 8.45 -30.98
C ALA A 66 4.53 8.36 -30.46
N LEU A 67 3.98 7.15 -30.53
CA LEU A 67 2.66 6.84 -29.98
C LEU A 67 2.86 5.80 -28.88
N VAL A 68 2.47 6.16 -27.67
CA VAL A 68 2.72 5.31 -26.48
C VAL A 68 1.38 4.94 -25.90
N ILE A 69 1.14 3.64 -25.77
CA ILE A 69 -0.18 3.14 -25.35
C ILE A 69 -0.06 2.40 -24.00
N PRO A 70 -0.51 3.02 -22.88
CA PRO A 70 -0.48 2.28 -21.61
C PRO A 70 -1.57 1.20 -21.57
N GLY A 71 -1.39 0.19 -20.73
CA GLY A 71 -2.44 -0.78 -20.49
C GLY A 71 -3.48 -0.29 -19.52
N GLY A 72 -4.24 -1.25 -18.96
CA GLY A 72 -5.37 -0.85 -18.12
C GLY A 72 -6.50 -1.83 -18.36
N LEU A 73 -7.68 -1.52 -17.83
CA LEU A 73 -8.71 -2.60 -17.76
C LEU A 73 -9.70 -2.62 -18.92
N SER A 74 -9.59 -1.67 -19.84
CA SER A 74 -10.62 -1.62 -20.92
C SER A 74 -10.69 -2.91 -21.73
N TRP A 75 -9.52 -3.48 -22.02
CA TRP A 75 -9.52 -4.78 -22.78
C TRP A 75 -10.30 -5.88 -22.07
N GLU A 76 -10.01 -6.11 -20.78
CA GLU A 76 -10.66 -7.20 -20.07
C GLU A 76 -12.14 -6.89 -19.86
N LYS A 77 -12.47 -5.61 -19.82
CA LYS A 77 -13.87 -5.19 -19.63
CA LYS A 77 -13.87 -5.17 -19.64
C LYS A 77 -14.67 -5.21 -20.94
N GLY A 78 -13.97 -5.45 -22.05
CA GLY A 78 -14.59 -5.56 -23.38
C GLY A 78 -15.03 -4.23 -23.98
N THR A 79 -14.43 -3.13 -23.49
CA THR A 79 -14.76 -1.78 -23.97
C THR A 79 -13.53 -1.06 -24.57
N ALA A 80 -12.53 -1.81 -25.00
CA ALA A 80 -11.33 -1.13 -25.52
C ALA A 80 -11.56 -0.47 -26.87
N ALA A 81 -10.76 0.56 -27.14
CA ALA A 81 -10.76 1.24 -28.42
C ALA A 81 -10.15 0.36 -29.52
N ASP A 82 -10.66 0.51 -30.76
CA ASP A 82 -10.01 -0.13 -31.90
C ASP A 82 -8.75 0.68 -32.23
N LEU A 83 -7.59 0.04 -32.17
CA LEU A 83 -6.32 0.75 -32.35
C LEU A 83 -5.78 0.61 -33.77
N GLY A 84 -6.43 -0.20 -34.61
CA GLY A 84 -5.80 -0.58 -35.90
C GLY A 84 -5.45 0.64 -36.77
N GLY A 85 -6.42 1.55 -36.96
CA GLY A 85 -6.23 2.74 -37.83
C GLY A 85 -5.14 3.65 -37.28
N LEU A 86 -5.21 3.94 -35.98
CA LEU A 86 -4.23 4.82 -35.31
C LEU A 86 -2.83 4.22 -35.41
N VAL A 87 -2.70 2.93 -35.11
CA VAL A 87 -1.37 2.33 -35.16
C VAL A 87 -0.80 2.34 -36.59
N LYS A 88 -1.64 1.97 -37.54
CA LYS A 88 -1.22 1.97 -38.98
C LYS A 88 -0.78 3.38 -39.43
N ARG A 89 -1.55 4.40 -39.06
CA ARG A 89 -1.22 5.80 -39.35
C ARG A 89 0.22 6.11 -38.92
N PHE A 90 0.53 5.76 -37.68
CA PHE A 90 1.87 6.00 -37.11
C PHE A 90 2.97 5.14 -37.74
N ARG A 91 2.68 3.83 -37.88
CA ARG A 91 3.68 2.90 -38.46
C ARG A 91 4.01 3.28 -39.88
N ASP A 92 3.00 3.72 -40.63
CA ASP A 92 3.23 4.06 -42.05
C ASP A 92 4.16 5.28 -42.19
N ARG A 93 4.26 6.10 -41.14
CA ARG A 93 5.11 7.29 -41.09
CA ARG A 93 5.18 7.25 -41.18
C ARG A 93 6.43 6.95 -40.39
N ASP A 94 6.66 5.66 -40.15
CA ASP A 94 7.86 5.19 -39.47
C ASP A 94 8.03 5.84 -38.10
N ARG A 95 6.91 6.08 -37.40
CA ARG A 95 7.01 6.56 -36.03
C ARG A 95 7.02 5.38 -35.06
N LEU A 96 7.79 5.57 -33.99
CA LEU A 96 7.80 4.62 -32.86
C LEU A 96 6.37 4.35 -32.36
N VAL A 97 6.03 3.07 -32.17
CA VAL A 97 4.75 2.71 -31.51
C VAL A 97 5.13 1.87 -30.28
N ALA A 98 4.61 2.19 -29.08
CA ALA A 98 5.08 1.48 -27.86
C ALA A 98 3.80 1.07 -27.14
N GLY A 99 3.77 -0.15 -26.63
CA GLY A 99 2.61 -0.63 -25.87
C GLY A 99 3.08 -1.47 -24.72
N ILE A 100 2.43 -1.24 -23.57
CA ILE A 100 2.79 -1.97 -22.34
C ILE A 100 1.56 -2.73 -21.80
N CYS A 101 1.83 -3.88 -21.20
CA CYS A 101 0.82 -4.64 -20.47
C CYS A 101 -0.32 -5.07 -21.45
N ALA A 102 -1.59 -4.84 -21.07
CA ALA A 102 -2.69 -5.26 -21.99
C ALA A 102 -2.58 -4.57 -23.33
N ALA A 103 -1.99 -3.37 -23.34
CA ALA A 103 -1.82 -2.66 -24.63
C ALA A 103 -0.80 -3.34 -25.55
N ALA A 104 0.16 -4.04 -24.96
CA ALA A 104 1.10 -4.80 -25.81
C ALA A 104 0.36 -5.90 -26.55
N SER A 105 -0.55 -6.59 -25.89
CA SER A 105 -1.33 -7.65 -26.59
C SER A 105 -2.28 -7.00 -27.61
N ALA A 106 -2.86 -5.86 -27.27
CA ALA A 106 -3.66 -5.15 -28.27
C ALA A 106 -2.84 -4.81 -29.52
N LEU A 107 -1.56 -4.37 -29.35
CA LEU A 107 -0.70 -4.14 -30.52
C LEU A 107 -0.51 -5.44 -31.31
N GLY A 108 -0.32 -6.56 -30.62
CA GLY A 108 -0.25 -7.84 -31.33
C GLY A 108 -1.49 -8.05 -32.21
N GLY A 109 -2.64 -7.59 -31.75
CA GLY A 109 -3.91 -7.76 -32.51
C GLY A 109 -4.01 -6.90 -33.79
N THR A 110 -3.15 -5.86 -33.87
CA THR A 110 -3.01 -5.06 -35.11
C THR A 110 -2.10 -5.69 -36.15
N GLY A 111 -1.38 -6.77 -35.77
CA GLY A 111 -0.39 -7.39 -36.66
C GLY A 111 1.03 -6.80 -36.55
N VAL A 112 1.19 -5.69 -35.81
CA VAL A 112 2.47 -4.99 -35.77
CA VAL A 112 2.51 -5.02 -35.82
C VAL A 112 3.60 -5.79 -35.09
N LEU A 113 3.21 -6.81 -34.31
CA LEU A 113 4.25 -7.64 -33.64
C LEU A 113 4.64 -8.87 -34.49
N ASN A 114 4.10 -9.02 -35.71
CA ASN A 114 4.32 -10.27 -36.47
C ASN A 114 5.78 -10.51 -36.89
N ASP A 115 6.49 -9.41 -37.12
CA ASP A 115 7.76 -9.30 -37.81
CA ASP A 115 7.86 -9.54 -37.69
C ASP A 115 8.89 -8.69 -36.94
N VAL A 116 8.62 -8.42 -35.66
CA VAL A 116 9.62 -7.80 -34.79
C VAL A 116 9.71 -8.53 -33.48
N ALA A 117 10.90 -8.44 -32.88
CA ALA A 117 11.09 -8.98 -31.53
C ALA A 117 10.21 -8.15 -30.58
N HIS A 118 9.62 -8.82 -29.59
CA HIS A 118 8.68 -8.12 -28.67
C HIS A 118 8.47 -8.97 -27.42
N THR A 119 7.78 -8.41 -26.43
CA THR A 119 7.39 -9.16 -25.27
C THR A 119 5.98 -8.66 -24.87
N GLY A 120 5.56 -9.05 -23.67
CA GLY A 120 4.18 -8.74 -23.23
C GLY A 120 4.04 -9.26 -21.82
N ASN A 121 2.80 -9.32 -21.35
CA ASN A 121 2.59 -9.89 -20.01
C ASN A 121 2.83 -11.40 -20.01
N ALA A 122 2.50 -12.02 -21.15
CA ALA A 122 2.73 -13.45 -21.38
C ALA A 122 2.48 -13.75 -22.85
N LEU A 123 3.11 -14.82 -23.36
CA LEU A 123 2.87 -15.19 -24.76
C LEU A 123 1.35 -15.46 -24.95
N ALA A 124 0.73 -16.10 -23.94
CA ALA A 124 -0.71 -16.49 -24.09
C ALA A 124 -1.62 -15.23 -24.18
N SER A 125 -1.21 -14.14 -23.51
CA SER A 125 -1.90 -12.84 -23.63
CA SER A 125 -1.91 -12.85 -23.63
C SER A 125 -1.92 -12.35 -25.07
N HIS A 126 -0.79 -12.50 -25.78
CA HIS A 126 -0.75 -12.09 -27.19
C HIS A 126 -1.60 -13.03 -28.07
N LYS A 127 -1.50 -14.32 -27.75
CA LYS A 127 -2.18 -15.36 -28.54
C LYS A 127 -3.69 -15.28 -28.43
N ALA A 128 -4.18 -14.57 -27.43
CA ALA A 128 -5.67 -14.35 -27.28
C ALA A 128 -6.21 -13.56 -28.48
N TYR A 129 -5.32 -12.84 -29.18
CA TYR A 129 -5.69 -12.11 -30.42
C TYR A 129 -5.38 -12.94 -31.70
N PRO A 130 -6.42 -13.33 -32.47
CA PRO A 130 -6.16 -14.15 -33.68
C PRO A 130 -5.24 -13.55 -34.72
N ALA A 131 -5.19 -12.21 -34.78
CA ALA A 131 -4.28 -11.55 -35.74
C ALA A 131 -2.81 -11.63 -35.33
N TYR A 132 -2.53 -12.02 -34.08
CA TYR A 132 -1.13 -12.06 -33.63
C TYR A 132 -0.46 -13.27 -34.24
N ARG A 133 0.49 -13.03 -35.14
CA ARG A 133 1.24 -14.11 -35.78
C ARG A 133 2.74 -14.02 -35.46
N GLY A 134 3.06 -13.35 -34.35
CA GLY A 134 4.47 -13.08 -33.97
C GLY A 134 5.10 -14.07 -32.98
N GLU A 135 4.46 -15.21 -32.69
CA GLU A 135 4.96 -16.10 -31.63
C GLU A 135 6.46 -16.41 -31.73
N ALA A 136 6.98 -16.59 -32.95
CA ALA A 136 8.41 -16.93 -33.14
C ALA A 136 9.36 -15.87 -32.58
N HIS A 137 8.85 -14.64 -32.45
CA HIS A 137 9.67 -13.50 -32.04
C HIS A 137 9.44 -13.06 -30.61
N TYR A 138 8.53 -13.73 -29.92
CA TYR A 138 8.21 -13.38 -28.52
C TYR A 138 9.43 -13.71 -27.62
N ARG A 139 9.80 -12.73 -26.83
CA ARG A 139 10.90 -12.86 -25.83
C ARG A 139 10.33 -12.93 -24.42
N ASP A 140 10.48 -14.10 -23.80
CA ASP A 140 9.98 -14.25 -22.43
C ASP A 140 11.10 -13.78 -21.48
N GLN A 141 11.10 -12.49 -21.18
CA GLN A 141 12.15 -11.86 -20.33
C GLN A 141 11.47 -10.73 -19.54
N PRO A 142 12.05 -10.30 -18.40
CA PRO A 142 11.36 -9.27 -17.61
C PRO A 142 11.41 -7.86 -18.16
N ARG A 143 12.42 -7.54 -18.96
CA ARG A 143 12.59 -6.12 -19.38
C ARG A 143 11.92 -5.87 -20.73
N ALA A 144 11.57 -4.59 -20.98
CA ALA A 144 11.01 -4.17 -22.28
C ALA A 144 11.88 -4.59 -23.45
N VAL A 145 11.23 -4.77 -24.59
CA VAL A 145 11.92 -5.08 -25.84
C VAL A 145 11.69 -3.96 -26.84
N SER A 146 12.75 -3.64 -27.58
CA SER A 146 12.66 -2.67 -28.68
C SER A 146 13.22 -3.28 -29.96
N ASP A 147 12.43 -3.26 -31.01
CA ASP A 147 12.87 -3.78 -32.30
C ASP A 147 11.97 -3.23 -33.41
N GLY A 148 12.59 -2.85 -34.54
CA GLY A 148 11.83 -2.43 -35.71
C GLY A 148 10.91 -1.25 -35.48
N GLY A 149 11.24 -0.39 -34.53
CA GLY A 149 10.39 0.79 -34.19
C GLY A 149 9.19 0.47 -33.35
N VAL A 150 9.21 -0.70 -32.70
CA VAL A 150 8.12 -1.08 -31.81
C VAL A 150 8.72 -1.43 -30.45
N VAL A 151 8.21 -0.81 -29.41
CA VAL A 151 8.64 -1.10 -28.05
C VAL A 151 7.47 -1.79 -27.32
N THR A 152 7.75 -2.89 -26.64
CA THR A 152 6.74 -3.59 -25.87
C THR A 152 7.29 -3.94 -24.48
N ALA A 153 6.37 -4.12 -23.53
CA ALA A 153 6.71 -4.50 -22.15
C ALA A 153 5.52 -5.07 -21.45
N ALA A 154 5.83 -5.82 -20.40
CA ALA A 154 4.80 -6.30 -19.47
C ALA A 154 4.46 -5.09 -18.56
N GLY A 155 3.31 -5.15 -17.93
CA GLY A 155 2.92 -4.13 -16.97
C GLY A 155 3.89 -4.03 -15.79
N SER A 156 4.61 -5.12 -15.52
CA SER A 156 5.62 -5.12 -14.43
C SER A 156 6.92 -4.37 -14.80
N ALA A 157 7.03 -3.87 -16.02
CA ALA A 157 8.33 -3.28 -16.48
C ALA A 157 8.17 -1.80 -16.91
N PRO A 158 7.60 -0.96 -16.04
CA PRO A 158 7.44 0.44 -16.46
C PRO A 158 8.75 1.18 -16.67
N VAL A 159 9.80 0.81 -15.92
CA VAL A 159 11.07 1.55 -16.04
C VAL A 159 11.73 1.26 -17.37
N SER A 160 11.92 -0.01 -17.72
CA SER A 160 12.59 -0.33 -18.97
C SER A 160 11.72 0.07 -20.18
N PHE A 161 10.40 0.09 -19.98
CA PHE A 161 9.49 0.61 -21.04
C PHE A 161 9.89 2.08 -21.33
N ALA A 162 10.03 2.87 -20.26
CA ALA A 162 10.39 4.27 -20.44
C ALA A 162 11.78 4.43 -21.09
N VAL A 163 12.73 3.64 -20.62
CA VAL A 163 14.12 3.77 -21.10
C VAL A 163 14.12 3.40 -22.61
N GLU A 164 13.41 2.35 -23.01
CA GLU A 164 13.48 1.92 -24.43
C GLU A 164 12.81 2.95 -25.36
N ILE A 165 11.75 3.63 -24.85
CA ILE A 165 11.09 4.67 -25.64
C ILE A 165 12.06 5.81 -25.82
N LEU A 166 12.70 6.22 -24.71
CA LEU A 166 13.67 7.29 -24.80
C LEU A 166 14.87 6.95 -25.70
N LYS A 167 15.38 5.73 -25.60
CA LYS A 167 16.48 5.31 -26.49
C LYS A 167 16.05 5.36 -27.95
N SER A 168 14.86 4.84 -28.27
CA SER A 168 14.33 4.86 -29.65
CA SER A 168 14.40 4.85 -29.66
C SER A 168 14.32 6.29 -30.24
N LEU A 169 13.99 7.25 -29.38
CA LEU A 169 13.90 8.65 -29.77
C LEU A 169 15.24 9.42 -29.73
N GLY A 170 16.32 8.71 -29.43
CA GLY A 170 17.67 9.36 -29.29
C GLY A 170 17.71 10.34 -28.12
N LEU A 171 16.90 10.10 -27.09
CA LEU A 171 16.80 10.99 -25.94
C LEU A 171 17.38 10.43 -24.65
N PHE A 172 18.03 9.26 -24.72
CA PHE A 172 18.50 8.64 -23.48
C PHE A 172 19.96 9.05 -23.22
N GLY A 173 20.14 10.32 -22.90
CA GLY A 173 21.47 10.85 -22.58
C GLY A 173 21.79 10.66 -21.11
N PRO A 174 22.85 11.32 -20.64
CA PRO A 174 23.25 11.26 -19.25
C PRO A 174 22.16 11.77 -18.31
N GLU A 175 21.44 12.82 -18.70
CA GLU A 175 20.35 13.37 -17.87
C GLU A 175 19.22 12.35 -17.74
N ALA A 176 18.81 11.76 -18.86
CA ALA A 176 17.75 10.76 -18.82
C ALA A 176 18.14 9.55 -17.98
N GLU A 177 19.37 9.04 -18.21
CA GLU A 177 19.81 7.85 -17.50
C GLU A 177 19.86 8.10 -15.98
N ALA A 178 20.28 9.31 -15.58
CA ALA A 178 20.37 9.68 -14.16
C ALA A 178 18.98 9.69 -13.46
N GLU A 179 17.99 10.26 -14.12
CA GLU A 179 16.62 10.27 -13.63
C GLU A 179 16.03 8.85 -13.60
N LEU A 180 16.45 7.99 -14.53
CA LEU A 180 15.73 6.72 -14.68
C LEU A 180 16.43 5.54 -14.02
N GLN A 181 17.70 5.68 -13.65
CA GLN A 181 18.47 4.56 -13.11
C GLN A 181 18.24 4.33 -11.60
N ILE A 182 17.52 5.27 -11.00
CA ILE A 182 17.40 5.27 -9.53
C ILE A 182 16.40 4.22 -8.98
N PHE A 183 15.57 3.62 -9.83
CA PHE A 183 14.46 2.73 -9.36
C PHE A 183 14.82 1.31 -9.01
N ALA A 184 16.06 0.90 -9.31
CA ALA A 184 16.46 -0.48 -9.03
C ALA A 184 16.77 -0.67 -7.56
N ALA A 185 17.23 0.39 -6.88
CA ALA A 185 17.86 0.20 -5.56
C ALA A 185 16.88 -0.38 -4.57
N GLU A 186 15.59 0.00 -4.68
CA GLU A 186 14.59 -0.47 -3.68
C GLU A 186 14.28 -1.97 -3.85
N HIS A 187 14.81 -2.59 -4.93
CA HIS A 187 14.57 -4.02 -5.19
C HIS A 187 15.80 -4.89 -4.89
N ARG A 188 16.86 -4.19 -4.51
CA ARG A 188 18.11 -4.65 -3.87
C ARG A 188 19.29 -4.50 -4.80
N THR B 2 -11.99 1.07 3.35
CA THR B 2 -10.85 1.94 3.56
C THR B 2 -11.00 3.07 2.53
N ARG B 3 -10.73 4.30 2.99
CA ARG B 3 -10.71 5.49 2.16
CA ARG B 3 -10.66 5.47 2.12
C ARG B 3 -9.31 6.13 2.33
N ILE B 4 -8.64 6.45 1.22
CA ILE B 4 -7.33 7.09 1.25
C ILE B 4 -7.42 8.43 0.51
N ALA B 5 -6.95 9.49 1.14
CA ALA B 5 -6.87 10.80 0.46
C ALA B 5 -5.47 10.94 -0.14
N ILE B 6 -5.42 11.36 -1.41
CA ILE B 6 -4.13 11.59 -2.07
C ILE B 6 -4.04 13.09 -2.36
N ALA B 7 -3.04 13.74 -1.76
CA ALA B 7 -2.97 15.20 -1.82
C ALA B 7 -2.10 15.58 -3.01
N LEU B 8 -2.77 15.78 -4.14
CA LEU B 8 -2.06 16.21 -5.36
C LEU B 8 -1.69 17.69 -5.30
N ALA B 9 -0.89 18.10 -6.26
CA ALA B 9 -0.49 19.51 -6.38
C ALA B 9 -0.03 19.75 -7.82
N GLN B 10 0.11 21.02 -8.21
CA GLN B 10 0.70 21.33 -9.52
C GLN B 10 2.09 20.63 -9.61
N ASP B 11 2.39 20.05 -10.76
CA ASP B 11 3.67 19.37 -10.99
C ASP B 11 3.87 18.19 -10.04
N PHE B 12 2.78 17.50 -9.68
CA PHE B 12 3.00 16.26 -8.87
C PHE B 12 3.74 15.19 -9.70
N ALA B 13 4.52 14.40 -8.97
CA ALA B 13 5.36 13.36 -9.61
C ALA B 13 4.46 12.15 -9.99
N ASP B 14 4.21 12.01 -11.29
CA ASP B 14 3.18 11.07 -11.72
C ASP B 14 3.43 9.66 -11.16
N TRP B 15 4.69 9.25 -11.10
CA TRP B 15 5.00 7.87 -10.77
C TRP B 15 4.88 7.57 -9.25
N GLU B 16 4.69 8.61 -8.44
CA GLU B 16 4.82 8.41 -6.97
C GLU B 16 3.55 7.84 -6.32
N PRO B 17 2.36 8.34 -6.68
CA PRO B 17 1.16 7.80 -6.07
C PRO B 17 0.46 6.76 -6.97
N ALA B 18 1.03 6.50 -8.14
CA ALA B 18 0.30 5.73 -9.17
C ALA B 18 0.00 4.28 -8.82
N LEU B 19 1.06 3.56 -8.43
CA LEU B 19 0.84 2.14 -8.15
C LEU B 19 -0.05 1.98 -6.89
N LEU B 20 0.19 2.77 -5.85
CA LEU B 20 -0.67 2.71 -4.70
CA LEU B 20 -0.67 2.70 -4.69
C LEU B 20 -2.14 2.93 -5.06
N ALA B 21 -2.43 4.01 -5.78
CA ALA B 21 -3.83 4.33 -6.06
C ALA B 21 -4.47 3.27 -6.98
N ALA B 22 -3.75 2.87 -8.04
CA ALA B 22 -4.32 1.95 -9.00
C ALA B 22 -4.57 0.59 -8.34
N ALA B 23 -3.60 0.09 -7.57
CA ALA B 23 -3.78 -1.25 -6.94
C ALA B 23 -4.87 -1.20 -5.86
N ALA B 24 -4.78 -0.20 -4.98
CA ALA B 24 -5.77 -0.02 -3.89
C ALA B 24 -7.19 0.04 -4.45
N ARG B 25 -7.41 0.94 -5.41
CA ARG B 25 -8.75 1.17 -5.90
C ARG B 25 -9.26 0.05 -6.80
N SER B 26 -8.44 -0.40 -7.73
CA SER B 26 -8.91 -1.33 -8.74
C SER B 26 -8.81 -2.80 -8.31
N TYR B 27 -7.92 -3.12 -7.37
CA TYR B 27 -7.75 -4.51 -6.93
C TYR B 27 -8.22 -4.75 -5.50
N LEU B 28 -8.15 -3.75 -4.62
CA LEU B 28 -8.37 -3.98 -3.16
C LEU B 28 -9.63 -3.33 -2.59
N GLY B 29 -10.44 -2.73 -3.45
CA GLY B 29 -11.70 -2.14 -3.01
C GLY B 29 -11.62 -0.87 -2.16
N VAL B 30 -10.50 -0.17 -2.27
CA VAL B 30 -10.29 1.06 -1.53
C VAL B 30 -10.87 2.27 -2.28
N GLU B 31 -11.52 3.20 -1.56
CA GLU B 31 -11.99 4.42 -2.16
C GLU B 31 -10.86 5.43 -2.14
N ILE B 32 -10.59 6.05 -3.29
CA ILE B 32 -9.54 7.08 -3.37
C ILE B 32 -10.19 8.47 -3.50
N VAL B 33 -9.77 9.37 -2.62
CA VAL B 33 -10.18 10.77 -2.68
C VAL B 33 -8.96 11.62 -3.09
N HIS B 34 -9.02 12.26 -4.24
CA HIS B 34 -7.93 13.13 -4.65
C HIS B 34 -8.26 14.55 -4.27
N ALA B 35 -7.26 15.26 -3.75
CA ALA B 35 -7.44 16.66 -3.36
C ALA B 35 -6.31 17.51 -3.93
N THR B 36 -6.56 18.81 -4.15
CA THR B 36 -5.50 19.81 -4.49
C THR B 36 -5.63 20.95 -3.50
N PRO B 37 -4.60 21.78 -3.38
CA PRO B 37 -4.56 22.79 -2.32
C PRO B 37 -5.80 23.67 -2.32
N ASP B 38 -6.31 24.05 -3.52
CA ASP B 38 -7.48 24.94 -3.60
C ASP B 38 -8.74 24.27 -4.19
N GLY B 39 -8.67 22.94 -4.38
CA GLY B 39 -9.78 22.21 -4.96
C GLY B 39 -9.89 22.31 -6.47
N PRO B 41 -8.36 22.01 -10.58
CA PRO B 41 -7.47 21.05 -11.33
C PRO B 41 -5.99 21.44 -11.25
N VAL B 42 -5.12 20.44 -11.39
CA VAL B 42 -3.68 20.64 -11.43
C VAL B 42 -3.15 19.83 -12.60
N THR B 43 -1.91 20.11 -12.98
CA THR B 43 -1.29 19.40 -14.10
C THR B 43 -0.07 18.70 -13.58
N SER B 44 -0.01 17.40 -13.74
CA SER B 44 1.15 16.66 -13.21
C SER B 44 2.47 17.02 -13.94
N GLY B 46 4.09 15.01 -15.71
CA GLY B 46 3.90 14.40 -17.04
C GLY B 46 2.82 15.01 -17.91
N GLY B 47 2.21 16.12 -17.45
CA GLY B 47 1.18 16.87 -18.23
C GLY B 47 -0.28 16.38 -18.09
N LEU B 48 -0.56 15.46 -17.17
CA LEU B 48 -1.94 15.02 -16.99
C LEU B 48 -2.69 16.15 -16.31
N LYS B 49 -3.82 16.53 -16.89
CA LYS B 49 -4.69 17.54 -16.26
C LYS B 49 -5.72 16.74 -15.41
N VAL B 50 -5.65 16.89 -14.08
CA VAL B 50 -6.44 16.10 -13.19
C VAL B 50 -7.41 17.00 -12.40
N THR B 51 -8.67 16.61 -12.35
CA THR B 51 -9.65 17.34 -11.55
C THR B 51 -9.84 16.56 -10.26
N PRO B 52 -9.60 17.21 -9.12
CA PRO B 52 -9.71 16.47 -7.86
C PRO B 52 -11.17 16.36 -7.40
N ASP B 53 -11.38 15.58 -6.32
CA ASP B 53 -12.66 15.50 -5.67
C ASP B 53 -12.94 16.69 -4.76
N THR B 54 -11.87 17.22 -4.17
CA THR B 54 -12.01 18.17 -3.08
C THR B 54 -10.74 18.98 -2.89
N SER B 55 -10.81 19.94 -1.97
CA SER B 55 -9.64 20.77 -1.62
C SER B 55 -8.96 20.19 -0.36
N TYR B 56 -7.73 20.62 -0.09
CA TYR B 56 -7.04 20.17 1.15
C TYR B 56 -7.84 20.57 2.38
N ASP B 57 -8.38 21.79 2.37
CA ASP B 57 -9.04 22.30 3.58
CA ASP B 57 -9.07 22.30 3.57
C ASP B 57 -10.33 21.51 3.90
N ALA B 58 -10.93 20.89 2.88
CA ALA B 58 -12.19 20.16 3.10
C ALA B 58 -11.97 18.72 3.56
N LEU B 59 -10.76 18.18 3.41
CA LEU B 59 -10.49 16.79 3.81
C LEU B 59 -10.84 16.62 5.28
N ASP B 60 -11.62 15.60 5.57
CA ASP B 60 -12.05 15.33 6.95
C ASP B 60 -11.60 13.93 7.37
N PRO B 61 -10.71 13.80 8.37
CA PRO B 61 -10.23 12.46 8.76
C PRO B 61 -11.28 11.59 9.36
N VAL B 62 -12.46 12.17 9.66
CA VAL B 62 -13.53 11.36 10.27
C VAL B 62 -13.78 10.06 9.52
N ASP B 63 -13.75 10.09 8.20
CA ASP B 63 -13.86 8.81 7.51
C ASP B 63 -12.83 8.59 6.41
N ILE B 64 -11.64 9.17 6.58
CA ILE B 64 -10.54 8.91 5.65
C ILE B 64 -9.44 8.28 6.48
N ASP B 65 -9.02 7.08 6.08
CA ASP B 65 -8.09 6.31 6.89
C ASP B 65 -6.62 6.71 6.74
N ALA B 66 -6.27 7.40 5.64
CA ALA B 66 -4.87 7.73 5.43
C ALA B 66 -4.74 8.95 4.55
N LEU B 67 -3.68 9.73 4.79
CA LEU B 67 -3.35 10.89 3.97
C LEU B 67 -2.03 10.54 3.29
N VAL B 68 -2.04 10.52 1.97
CA VAL B 68 -0.84 10.17 1.20
C VAL B 68 -0.44 11.38 0.33
N ILE B 69 0.80 11.82 0.46
CA ILE B 69 1.22 13.06 -0.19
C ILE B 69 2.36 12.76 -1.17
N PRO B 70 2.12 12.78 -2.47
CA PRO B 70 3.23 12.55 -3.41
C PRO B 70 4.13 13.80 -3.49
N GLY B 71 5.36 13.59 -3.95
CA GLY B 71 6.27 14.68 -4.28
C GLY B 71 5.99 15.31 -5.64
N GLY B 72 7.00 16.02 -6.17
CA GLY B 72 6.75 16.87 -7.31
C GLY B 72 7.52 18.17 -7.25
N LEU B 73 7.25 19.08 -8.20
CA LEU B 73 8.17 20.26 -8.34
C LEU B 73 7.72 21.49 -7.56
N SER B 74 6.55 21.44 -6.92
CA SER B 74 6.02 22.65 -6.29
C SER B 74 7.02 23.21 -5.24
N TRP B 75 7.60 22.33 -4.43
CA TRP B 75 8.59 22.81 -3.40
C TRP B 75 9.74 23.59 -4.04
N GLU B 76 10.39 22.97 -5.02
CA GLU B 76 11.53 23.64 -5.64
C GLU B 76 11.18 24.90 -6.46
N LYS B 77 9.91 24.99 -6.85
CA LYS B 77 9.42 26.18 -7.56
CA LYS B 77 9.40 26.17 -7.55
C LYS B 77 8.93 27.28 -6.61
N GLY B 78 8.97 27.03 -5.28
CA GLY B 78 8.60 28.06 -4.29
C GLY B 78 7.10 28.29 -4.21
N THR B 79 6.33 27.27 -4.59
CA THR B 79 4.87 27.38 -4.60
C THR B 79 4.21 26.28 -3.79
N ALA B 80 4.95 25.68 -2.87
CA ALA B 80 4.38 24.53 -2.13
C ALA B 80 3.23 24.96 -1.22
N ALA B 81 2.29 24.02 -1.07
CA ALA B 81 1.14 24.20 -0.20
C ALA B 81 1.53 24.13 1.27
N ASP B 82 0.72 24.76 2.12
CA ASP B 82 0.91 24.69 3.54
C ASP B 82 0.32 23.33 4.02
N LEU B 83 1.19 22.37 4.39
CA LEU B 83 0.68 21.05 4.85
C LEU B 83 0.52 20.95 6.35
N GLY B 84 0.94 21.97 7.11
CA GLY B 84 1.05 21.85 8.58
C GLY B 84 -0.29 21.46 9.21
N GLY B 85 -1.29 22.30 8.91
CA GLY B 85 -2.64 22.14 9.52
C GLY B 85 -3.23 20.78 9.07
N LEU B 86 -3.08 20.46 7.78
CA LEU B 86 -3.66 19.26 7.20
C LEU B 86 -3.07 18.01 7.89
N VAL B 87 -1.74 17.99 8.02
CA VAL B 87 -1.09 16.87 8.69
C VAL B 87 -1.54 16.71 10.16
N LYS B 88 -1.59 17.84 10.88
CA LYS B 88 -2.02 17.84 12.29
C LYS B 88 -3.46 17.29 12.36
N ARG B 89 -4.31 17.75 11.44
CA ARG B 89 -5.74 17.34 11.40
C ARG B 89 -5.82 15.83 11.36
N PHE B 90 -5.04 15.21 10.48
CA PHE B 90 -5.00 13.75 10.34
C PHE B 90 -4.35 13.06 11.52
N ARG B 91 -3.20 13.55 11.98
CA ARG B 91 -2.54 13.01 13.15
CA ARG B 91 -2.54 12.99 13.16
C ARG B 91 -3.44 13.02 14.40
N ASP B 92 -4.20 14.10 14.55
CA ASP B 92 -5.07 14.27 15.73
C ASP B 92 -6.11 13.17 15.80
N ARG B 93 -6.45 12.61 14.63
CA ARG B 93 -7.39 11.47 14.55
C ARG B 93 -6.63 10.16 14.37
N ASP B 94 -5.31 10.22 14.63
CA ASP B 94 -4.46 9.02 14.61
C ASP B 94 -4.56 8.27 13.27
N ARG B 95 -4.68 9.04 12.18
CA ARG B 95 -4.66 8.47 10.85
C ARG B 95 -3.21 8.37 10.29
N LEU B 96 -3.02 7.32 9.49
CA LEU B 96 -1.75 7.13 8.73
C LEU B 96 -1.45 8.38 7.87
N VAL B 97 -0.22 8.87 7.95
CA VAL B 97 0.27 9.97 7.07
C VAL B 97 1.48 9.46 6.33
N ALA B 98 1.52 9.69 5.00
CA ALA B 98 2.57 9.10 4.15
C ALA B 98 3.06 10.20 3.23
N GLY B 99 4.38 10.30 3.09
CA GLY B 99 4.95 11.32 2.19
C GLY B 99 6.13 10.72 1.44
N ILE B 100 6.21 11.00 0.14
CA ILE B 100 7.33 10.51 -0.66
C ILE B 100 8.07 11.65 -1.35
N CYS B 101 9.42 11.51 -1.45
CA CYS B 101 10.24 12.41 -2.31
C CYS B 101 10.19 13.80 -1.63
N ALA B 102 10.03 14.90 -2.38
CA ALA B 102 10.00 16.23 -1.71
C ALA B 102 8.94 16.29 -0.62
N ALA B 103 7.83 15.54 -0.77
CA ALA B 103 6.79 15.61 0.28
C ALA B 103 7.24 14.96 1.62
N ALA B 104 8.17 14.00 1.56
CA ALA B 104 8.72 13.46 2.83
C ALA B 104 9.43 14.58 3.62
N SER B 105 10.19 15.42 2.90
CA SER B 105 10.88 16.53 3.59
C SER B 105 9.82 17.56 4.08
N ALA B 106 8.77 17.78 3.27
CA ALA B 106 7.70 18.66 3.76
C ALA B 106 7.04 18.12 5.00
N LEU B 107 6.81 16.79 5.09
CA LEU B 107 6.39 16.22 6.37
C LEU B 107 7.37 16.53 7.53
N GLY B 108 8.65 16.37 7.28
CA GLY B 108 9.67 16.74 8.31
C GLY B 108 9.43 18.16 8.82
N GLY B 109 9.02 19.05 7.92
CA GLY B 109 8.81 20.47 8.31
C GLY B 109 7.60 20.66 9.22
N THR B 110 6.69 19.68 9.24
CA THR B 110 5.54 19.75 10.16
C THR B 110 5.85 19.32 11.60
N GLY B 111 6.99 18.66 11.81
CA GLY B 111 7.34 18.11 13.12
C GLY B 111 6.97 16.63 13.25
N VAL B 112 6.23 16.09 12.28
CA VAL B 112 5.69 14.72 12.43
C VAL B 112 6.77 13.63 12.32
N LEU B 113 7.93 14.02 11.79
CA LEU B 113 9.10 13.11 11.71
C LEU B 113 10.03 13.22 12.92
N ASN B 114 9.64 14.01 13.93
CA ASN B 114 10.59 14.26 15.05
C ASN B 114 10.89 13.03 15.91
N ASP B 115 9.91 12.12 16.01
CA ASP B 115 9.80 11.07 17.02
CA ASP B 115 10.06 11.00 16.98
C ASP B 115 9.64 9.67 16.41
N VAL B 116 9.74 9.56 15.07
CA VAL B 116 9.54 8.27 14.42
C VAL B 116 10.65 7.99 13.41
N ALA B 117 10.94 6.71 13.15
CA ALA B 117 11.92 6.32 12.15
C ALA B 117 11.34 6.77 10.79
N HIS B 118 12.22 7.22 9.92
CA HIS B 118 11.73 7.72 8.60
C HIS B 118 12.91 7.81 7.62
N THR B 119 12.58 8.10 6.37
CA THR B 119 13.62 8.37 5.38
C THR B 119 13.12 9.50 4.46
N GLY B 120 13.82 9.63 3.33
CA GLY B 120 13.49 10.73 2.39
C GLY B 120 14.43 10.61 1.22
N ASN B 121 14.48 11.66 0.41
CA ASN B 121 15.45 11.66 -0.71
C ASN B 121 16.89 11.75 -0.21
N ALA B 122 17.05 12.49 0.91
CA ALA B 122 18.37 12.69 1.58
C ALA B 122 18.10 13.33 2.93
N LEU B 123 18.98 13.05 3.89
CA LEU B 123 18.86 13.73 5.18
C LEU B 123 18.97 15.27 5.03
N ALA B 124 19.84 15.74 4.13
CA ALA B 124 20.01 17.17 3.93
C ALA B 124 18.71 17.83 3.48
N SER B 125 17.93 17.06 2.73
CA SER B 125 16.62 17.55 2.23
C SER B 125 15.69 17.82 3.40
N HIS B 126 15.68 16.92 4.38
CA HIS B 126 14.87 17.15 5.57
C HIS B 126 15.39 18.31 6.40
N LYS B 127 16.73 18.39 6.54
CA LYS B 127 17.36 19.39 7.40
C LYS B 127 17.18 20.84 6.88
N ALA B 128 16.78 20.97 5.61
CA ALA B 128 16.47 22.30 5.04
C ALA B 128 15.29 22.96 5.76
N TYR B 129 14.49 22.15 6.46
CA TYR B 129 13.35 22.70 7.22
C TYR B 129 13.70 22.97 8.68
N PRO B 130 13.58 24.23 9.12
CA PRO B 130 13.95 24.51 10.52
C PRO B 130 13.19 23.70 11.57
N ALA B 131 11.93 23.34 11.28
CA ALA B 131 11.12 22.62 12.28
C ALA B 131 11.46 21.15 12.36
N TYR B 132 12.24 20.66 11.40
CA TYR B 132 12.65 19.26 11.44
C TYR B 132 13.64 18.99 12.56
N ARG B 133 13.18 18.20 13.53
CA ARG B 133 13.95 17.78 14.70
CA ARG B 133 14.02 17.80 14.66
C ARG B 133 14.22 16.29 14.73
N GLY B 134 14.02 15.62 13.61
CA GLY B 134 14.03 14.15 13.57
C GLY B 134 15.35 13.50 13.11
N GLU B 135 16.44 14.27 13.04
CA GLU B 135 17.66 13.77 12.41
C GLU B 135 18.12 12.43 12.96
N ALA B 136 18.03 12.25 14.29
CA ALA B 136 18.50 10.94 14.87
C ALA B 136 17.67 9.75 14.39
N HIS B 137 16.47 10.02 13.89
CA HIS B 137 15.55 8.94 13.45
C HIS B 137 15.65 8.67 11.96
N TYR B 138 16.45 9.46 11.24
CA TYR B 138 16.49 9.28 9.77
C TYR B 138 17.27 7.99 9.46
N ARG B 139 16.78 7.25 8.47
CA ARG B 139 17.41 6.00 8.01
C ARG B 139 17.78 6.13 6.55
N ASP B 140 19.08 6.14 6.27
CA ASP B 140 19.57 6.26 4.86
C ASP B 140 19.55 4.84 4.26
N GLN B 141 18.45 4.52 3.61
CA GLN B 141 18.25 3.18 3.04
C GLN B 141 17.37 3.37 1.80
N PRO B 142 17.44 2.42 0.87
CA PRO B 142 16.67 2.60 -0.40
C PRO B 142 15.16 2.44 -0.27
N ARG B 143 14.73 1.56 0.63
CA ARG B 143 13.29 1.30 0.73
C ARG B 143 12.53 2.21 1.69
N ALA B 144 11.20 2.29 1.46
CA ALA B 144 10.34 3.07 2.35
C ALA B 144 10.47 2.63 3.81
N VAL B 145 10.17 3.57 4.70
CA VAL B 145 10.15 3.28 6.12
C VAL B 145 8.76 3.53 6.66
N SER B 146 8.35 2.70 7.62
CA SER B 146 7.05 2.86 8.28
C SER B 146 7.25 2.74 9.78
N ASP B 147 6.77 3.74 10.51
CA ASP B 147 6.95 3.75 11.97
C ASP B 147 6.01 4.75 12.56
N GLY B 148 5.36 4.33 13.65
CA GLY B 148 4.50 5.25 14.39
C GLY B 148 3.34 5.81 13.59
N GLY B 149 2.87 5.06 12.59
CA GLY B 149 1.77 5.52 11.70
C GLY B 149 2.22 6.52 10.64
N VAL B 150 3.52 6.58 10.36
CA VAL B 150 4.03 7.55 9.34
C VAL B 150 4.87 6.73 8.37
N VAL B 151 4.59 6.83 7.10
CA VAL B 151 5.36 6.16 6.05
C VAL B 151 6.06 7.22 5.17
N THR B 152 7.35 7.00 4.96
CA THR B 152 8.17 7.94 4.17
C THR B 152 9.02 7.17 3.17
N ALA B 153 9.35 7.83 2.08
CA ALA B 153 10.19 7.20 1.05
C ALA B 153 10.82 8.22 0.20
N ALA B 154 11.91 7.83 -0.46
CA ALA B 154 12.54 8.66 -1.49
C ALA B 154 11.66 8.51 -2.74
N GLY B 155 11.75 9.50 -3.64
CA GLY B 155 10.99 9.37 -4.91
C GLY B 155 11.43 8.15 -5.77
N SER B 156 12.61 7.59 -5.49
CA SER B 156 13.10 6.41 -6.18
C SER B 156 12.45 5.10 -5.66
N ALA B 157 11.59 5.21 -4.64
CA ALA B 157 11.02 4.02 -3.95
C ALA B 157 9.49 3.95 -4.00
N PRO B 158 8.89 4.08 -5.19
CA PRO B 158 7.39 4.12 -5.24
C PRO B 158 6.78 2.75 -4.88
N VAL B 159 7.50 1.64 -5.15
CA VAL B 159 6.86 0.33 -4.90
C VAL B 159 6.80 0.06 -3.39
N SER B 160 7.94 0.24 -2.68
CA SER B 160 7.92 -0.03 -1.24
C SER B 160 7.04 1.03 -0.53
N PHE B 161 6.98 2.25 -1.07
CA PHE B 161 6.04 3.26 -0.49
C PHE B 161 4.59 2.70 -0.50
N ALA B 162 4.19 2.18 -1.67
CA ALA B 162 2.85 1.54 -1.81
C ALA B 162 2.67 0.37 -0.87
N VAL B 163 3.67 -0.52 -0.81
CA VAL B 163 3.60 -1.70 0.05
C VAL B 163 3.44 -1.32 1.52
N GLU B 164 4.24 -0.35 1.97
CA GLU B 164 4.20 0.01 3.42
C GLU B 164 2.84 0.64 3.76
N ILE B 165 2.29 1.45 2.85
CA ILE B 165 0.98 2.08 3.12
C ILE B 165 -0.07 0.97 3.25
N LEU B 166 -0.08 0.06 2.28
CA LEU B 166 -1.08 -1.02 2.32
C LEU B 166 -0.91 -1.90 3.53
N LYS B 167 0.35 -2.20 3.89
CA LYS B 167 0.60 -2.99 5.09
C LYS B 167 0.03 -2.31 6.31
N SER B 168 0.31 -1.02 6.44
CA SER B 168 -0.10 -0.24 7.61
CA SER B 168 -0.09 -0.26 7.62
C SER B 168 -1.61 -0.22 7.76
N LEU B 169 -2.31 -0.21 6.62
CA LEU B 169 -3.77 -0.16 6.58
C LEU B 169 -4.42 -1.54 6.77
N GLY B 170 -3.60 -2.58 7.00
CA GLY B 170 -4.11 -3.96 7.16
C GLY B 170 -4.64 -4.57 5.89
N LEU B 171 -4.19 -4.05 4.73
CA LEU B 171 -4.66 -4.48 3.42
C LEU B 171 -3.69 -5.35 2.62
N PHE B 172 -2.58 -5.72 3.24
CA PHE B 172 -1.53 -6.42 2.50
C PHE B 172 -1.72 -7.95 2.61
N GLY B 173 -2.80 -8.42 2.01
CA GLY B 173 -3.08 -9.88 1.92
C GLY B 173 -2.49 -10.42 0.61
N PRO B 174 -2.85 -11.67 0.25
CA PRO B 174 -2.26 -12.34 -0.91
C PRO B 174 -2.51 -11.66 -2.24
N GLU B 175 -3.68 -11.05 -2.43
CA GLU B 175 -4.01 -10.32 -3.65
C GLU B 175 -3.05 -9.14 -3.77
N ALA B 176 -2.94 -8.36 -2.67
CA ALA B 176 -2.10 -7.17 -2.68
C ALA B 176 -0.65 -7.58 -2.97
N GLU B 177 -0.15 -8.60 -2.28
CA GLU B 177 1.23 -9.00 -2.44
C GLU B 177 1.48 -9.48 -3.87
N ALA B 178 0.52 -10.24 -4.42
CA ALA B 178 0.66 -10.74 -5.79
C ALA B 178 0.77 -9.58 -6.79
N GLU B 179 0.00 -8.52 -6.59
CA GLU B 179 0.00 -7.41 -7.55
C GLU B 179 1.27 -6.53 -7.41
N LEU B 180 1.80 -6.42 -6.18
CA LEU B 180 2.90 -5.47 -5.95
C LEU B 180 4.31 -6.10 -6.02
N GLN B 181 4.43 -7.44 -5.98
CA GLN B 181 5.77 -8.10 -5.97
C GLN B 181 6.44 -8.22 -7.35
N ILE B 182 5.73 -7.75 -8.38
CA ILE B 182 6.10 -8.09 -9.78
C ILE B 182 7.17 -7.12 -10.33
N PHE B 183 7.37 -6.02 -9.61
CA PHE B 183 8.20 -4.88 -10.10
C PHE B 183 9.71 -5.01 -9.95
N ALA B 184 10.15 -6.03 -9.20
CA ALA B 184 11.57 -6.20 -8.97
C ALA B 184 12.27 -6.86 -10.18
N ALA B 185 11.53 -7.70 -10.91
CA ALA B 185 12.14 -8.57 -11.92
C ALA B 185 12.91 -7.78 -12.99
N GLU B 186 12.41 -6.59 -13.36
CA GLU B 186 13.07 -5.84 -14.46
C GLU B 186 14.37 -5.16 -13.97
N HIS B 187 14.64 -5.29 -12.67
CA HIS B 187 15.87 -4.70 -12.08
C HIS B 187 16.95 -5.72 -11.77
N ARG B 188 16.66 -6.98 -11.99
CA ARG B 188 17.65 -8.07 -11.76
C ARG B 188 18.75 -8.13 -12.82
N THR C 2 -4.02 -19.88 41.17
CA THR C 2 -3.73 -19.32 39.84
C THR C 2 -4.23 -17.88 39.78
N ARG C 3 -3.46 -17.00 39.15
CA ARG C 3 -3.90 -15.63 38.94
C ARG C 3 -3.71 -15.29 37.47
N ILE C 4 -4.69 -14.59 36.89
CA ILE C 4 -4.60 -14.19 35.48
C ILE C 4 -4.81 -12.69 35.39
N ALA C 5 -3.89 -11.98 34.73
CA ALA C 5 -4.08 -10.56 34.42
C ALA C 5 -4.83 -10.45 33.08
N ILE C 6 -5.86 -9.61 33.06
CA ILE C 6 -6.60 -9.30 31.82
C ILE C 6 -6.33 -7.82 31.52
N ALA C 7 -5.71 -7.56 30.37
CA ALA C 7 -5.25 -6.23 30.03
C ALA C 7 -6.34 -5.57 29.21
N LEU C 8 -7.25 -4.87 29.92
CA LEU C 8 -8.31 -4.07 29.27
C LEU C 8 -7.77 -2.82 28.59
N ALA C 9 -8.62 -2.24 27.76
CA ALA C 9 -8.32 -0.95 27.17
C ALA C 9 -9.64 -0.25 26.82
N GLN C 10 -9.56 1.05 26.48
CA GLN C 10 -10.77 1.75 25.99
C GLN C 10 -11.36 1.02 24.82
N ASP C 11 -12.69 0.87 24.77
CA ASP C 11 -13.35 0.18 23.64
C ASP C 11 -12.97 -1.32 23.55
N PHE C 12 -12.71 -1.96 24.70
CA PHE C 12 -12.43 -3.40 24.62
C PHE C 12 -13.67 -4.17 24.15
N ALA C 13 -13.44 -5.30 23.47
CA ALA C 13 -14.51 -6.09 22.90
C ALA C 13 -15.12 -6.91 24.01
N ASP C 14 -16.33 -6.53 24.46
CA ASP C 14 -16.93 -7.17 25.67
C ASP C 14 -16.92 -8.72 25.58
N TRP C 15 -17.21 -9.25 24.39
CA TRP C 15 -17.41 -10.68 24.26
C TRP C 15 -16.09 -11.47 24.30
N GLU C 16 -14.94 -10.77 24.22
CA GLU C 16 -13.65 -11.51 24.04
C GLU C 16 -13.03 -12.12 25.30
N PRO C 17 -13.00 -11.39 26.44
CA PRO C 17 -12.44 -11.94 27.68
C PRO C 17 -13.54 -12.51 28.62
N ALA C 18 -14.81 -12.39 28.19
CA ALA C 18 -15.96 -12.59 29.11
C ALA C 18 -16.06 -14.00 29.60
N LEU C 19 -16.12 -14.95 28.66
CA LEU C 19 -16.28 -16.35 29.07
C LEU C 19 -15.06 -16.82 29.88
N LEU C 20 -13.87 -16.48 29.41
CA LEU C 20 -12.67 -16.86 30.14
C LEU C 20 -12.66 -16.35 31.57
N ALA C 21 -12.94 -15.06 31.73
CA ALA C 21 -12.87 -14.44 33.04
C ALA C 21 -13.94 -15.03 33.97
N ALA C 22 -15.18 -15.09 33.49
CA ALA C 22 -16.24 -15.63 34.30
C ALA C 22 -16.02 -17.08 34.70
N ALA C 23 -15.63 -17.92 33.75
CA ALA C 23 -15.41 -19.35 34.03
C ALA C 23 -14.23 -19.53 35.02
N ALA C 24 -13.11 -18.85 34.75
CA ALA C 24 -11.90 -18.95 35.61
C ALA C 24 -12.19 -18.52 37.05
N ARG C 25 -12.82 -17.35 37.19
CA ARG C 25 -13.02 -16.75 38.51
C ARG C 25 -14.11 -17.44 39.33
N SER C 26 -15.27 -17.61 38.71
CA SER C 26 -16.44 -18.06 39.42
C SER C 26 -16.53 -19.58 39.54
N TYR C 27 -16.06 -20.30 38.54
CA TYR C 27 -16.21 -21.75 38.56
C TYR C 27 -14.94 -22.45 38.99
N LEU C 28 -13.79 -21.89 38.60
CA LEU C 28 -12.49 -22.57 38.77
C LEU C 28 -11.60 -21.94 39.85
N GLY C 29 -12.11 -20.90 40.52
CA GLY C 29 -11.41 -20.30 41.67
C GLY C 29 -10.10 -19.56 41.36
N VAL C 30 -9.96 -19.12 40.12
CA VAL C 30 -8.81 -18.34 39.69
C VAL C 30 -9.00 -16.88 40.14
N GLU C 31 -7.92 -16.20 40.51
CA GLU C 31 -8.01 -14.78 40.82
C GLU C 31 -7.80 -14.00 39.52
N ILE C 32 -8.66 -13.00 39.27
CA ILE C 32 -8.51 -12.15 38.06
C ILE C 32 -8.08 -10.76 38.45
N VAL C 33 -7.01 -10.28 37.81
CA VAL C 33 -6.53 -8.92 38.00
C VAL C 33 -6.82 -8.18 36.69
N HIS C 34 -7.69 -7.15 36.71
CA HIS C 34 -7.95 -6.34 35.49
C HIS C 34 -7.07 -5.11 35.52
N ALA C 35 -6.41 -4.84 34.38
CA ALA C 35 -5.52 -3.67 34.29
C ALA C 35 -5.91 -2.83 33.08
N THR C 36 -5.57 -1.54 33.17
CA THR C 36 -5.76 -0.64 32.02
C THR C 36 -4.43 0.08 31.83
N PRO C 37 -4.16 0.60 30.62
CA PRO C 37 -2.86 1.19 30.35
C PRO C 37 -2.38 2.18 31.42
N ASP C 38 -3.26 3.08 31.87
CA ASP C 38 -2.92 4.09 32.86
C ASP C 38 -3.53 3.79 34.24
N GLY C 39 -4.18 2.63 34.37
CA GLY C 39 -4.78 2.24 35.64
C GLY C 39 -6.08 2.97 35.94
N PRO C 41 -10.25 4.11 34.84
CA PRO C 41 -11.38 3.39 34.21
C PRO C 41 -11.41 3.44 32.68
N VAL C 42 -11.99 2.41 32.06
CA VAL C 42 -12.19 2.37 30.63
C VAL C 42 -13.65 1.98 30.32
N THR C 43 -14.09 2.22 29.08
CA THR C 43 -15.45 1.89 28.70
C THR C 43 -15.41 0.87 27.59
N SER C 44 -16.10 -0.24 27.77
CA SER C 44 -16.08 -1.30 26.78
C SER C 44 -16.83 -0.85 25.50
N GLY C 46 -19.43 -2.20 24.49
CA GLY C 46 -20.86 -2.30 24.85
C GLY C 46 -21.31 -1.25 25.87
N GLY C 47 -20.41 -0.37 26.33
CA GLY C 47 -20.77 0.77 27.22
C GLY C 47 -20.49 0.55 28.71
N LEU C 48 -19.95 -0.62 29.05
CA LEU C 48 -19.57 -0.90 30.45
C LEU C 48 -18.45 0.02 30.90
N LYS C 49 -18.71 0.74 31.97
CA LYS C 49 -17.71 1.61 32.58
CA LYS C 49 -17.70 1.60 32.57
C LYS C 49 -16.98 0.76 33.63
N VAL C 50 -15.78 0.31 33.29
CA VAL C 50 -15.01 -0.60 34.15
C VAL C 50 -13.89 0.11 34.92
N THR C 51 -13.87 -0.05 36.24
CA THR C 51 -12.76 0.40 37.07
C THR C 51 -11.81 -0.81 37.28
N PRO C 52 -10.56 -0.71 36.77
CA PRO C 52 -9.63 -1.86 36.90
C PRO C 52 -9.03 -1.95 38.30
N ASP C 53 -8.27 -3.03 38.53
CA ASP C 53 -7.46 -3.14 39.74
C ASP C 53 -6.17 -2.31 39.69
N THR C 54 -5.54 -2.22 38.53
CA THR C 54 -4.19 -1.73 38.44
C THR C 54 -3.86 -1.26 37.03
N SER C 55 -2.62 -0.84 36.83
CA SER C 55 -2.13 -0.39 35.52
C SER C 55 -1.26 -1.49 34.91
N TYR C 56 -0.99 -1.35 33.61
CA TYR C 56 -0.10 -2.27 32.89
C TYR C 56 1.30 -2.29 33.52
N ASP C 57 1.85 -1.12 33.81
CA ASP C 57 3.19 -1.05 34.44
C ASP C 57 3.28 -1.81 35.77
N ALA C 58 2.18 -1.83 36.54
CA ALA C 58 2.19 -2.45 37.84
C ALA C 58 2.05 -3.97 37.81
N LEU C 59 1.66 -4.53 36.66
CA LEU C 59 1.50 -5.98 36.53
C LEU C 59 2.85 -6.67 36.66
N ASP C 60 2.95 -7.60 37.61
CA ASP C 60 4.24 -8.25 37.94
C ASP C 60 4.06 -9.75 37.78
N PRO C 61 4.75 -10.37 36.80
CA PRO C 61 4.62 -11.80 36.52
C PRO C 61 5.05 -12.73 37.65
N VAL C 62 5.64 -12.20 38.72
CA VAL C 62 6.06 -13.04 39.84
C VAL C 62 4.91 -13.87 40.44
N ASP C 63 3.73 -13.26 40.55
CA ASP C 63 2.58 -13.88 41.19
C ASP C 63 1.43 -14.04 40.22
N ILE C 64 1.70 -13.79 38.93
CA ILE C 64 0.62 -13.85 37.91
C ILE C 64 0.97 -14.88 36.83
N ASP C 65 0.07 -15.83 36.65
CA ASP C 65 0.35 -16.99 35.80
C ASP C 65 0.15 -16.77 34.32
N ALA C 66 -0.66 -15.79 33.97
CA ALA C 66 -0.96 -15.55 32.56
C ALA C 66 -1.39 -14.12 32.32
N LEU C 67 -1.13 -13.66 31.10
CA LEU C 67 -1.53 -12.34 30.65
C LEU C 67 -2.47 -12.53 29.46
N VAL C 68 -3.68 -12.01 29.57
CA VAL C 68 -4.72 -12.26 28.54
C VAL C 68 -5.12 -10.89 28.01
N ILE C 69 -5.06 -10.72 26.70
CA ILE C 69 -5.26 -9.39 26.09
C ILE C 69 -6.45 -9.45 25.12
N PRO C 70 -7.60 -8.90 25.51
CA PRO C 70 -8.71 -8.86 24.57
C PRO C 70 -8.51 -7.81 23.47
N GLY C 71 -9.18 -8.00 22.33
CA GLY C 71 -9.19 -7.01 21.25
C GLY C 71 -10.17 -5.89 21.58
N GLY C 72 -10.55 -5.14 20.55
CA GLY C 72 -11.34 -3.93 20.76
C GLY C 72 -10.93 -2.88 19.78
N LEU C 73 -11.47 -1.68 19.97
CA LEU C 73 -11.35 -0.66 18.90
C LEU C 73 -10.12 0.22 19.01
N SER C 74 -9.34 0.05 20.08
CA SER C 74 -8.25 1.04 20.25
C SER C 74 -7.22 0.98 19.11
N TRP C 75 -7.01 -0.20 18.51
CA TRP C 75 -6.02 -0.36 17.41
C TRP C 75 -6.46 0.31 16.11
N GLU C 76 -7.66 -0.05 15.64
CA GLU C 76 -8.16 0.58 14.40
C GLU C 76 -8.33 2.08 14.55
N LYS C 77 -8.60 2.53 15.77
CA LYS C 77 -8.70 3.97 16.01
C LYS C 77 -7.34 4.66 16.00
N GLY C 78 -6.25 3.87 16.05
CA GLY C 78 -4.90 4.45 16.08
C GLY C 78 -4.38 4.86 17.45
N THR C 79 -5.04 4.38 18.50
CA THR C 79 -4.73 4.74 19.91
C THR C 79 -4.41 3.54 20.82
N ALA C 80 -3.94 2.46 20.22
CA ALA C 80 -3.64 1.27 21.01
C ALA C 80 -2.49 1.52 21.99
N ALA C 81 -2.51 0.84 23.15
CA ALA C 81 -1.38 0.85 24.07
C ALA C 81 -0.20 0.06 23.49
N ASP C 82 1.00 0.50 23.82
CA ASP C 82 2.21 -0.24 23.45
CA ASP C 82 2.24 -0.22 23.49
C ASP C 82 2.31 -1.46 24.39
N LEU C 83 2.38 -2.65 23.77
CA LEU C 83 2.38 -3.91 24.57
C LEU C 83 3.73 -4.63 24.69
N GLY C 84 4.73 -4.21 23.91
CA GLY C 84 6.04 -4.90 23.86
C GLY C 84 6.62 -5.17 25.24
N GLY C 85 6.73 -4.12 26.05
CA GLY C 85 7.35 -4.27 27.40
C GLY C 85 6.55 -5.25 28.28
N LEU C 86 5.23 -5.11 28.29
CA LEU C 86 4.37 -5.92 29.17
C LEU C 86 4.43 -7.38 28.72
N VAL C 87 4.31 -7.62 27.41
CA VAL C 87 4.32 -9.00 26.86
C VAL C 87 5.67 -9.70 27.15
N LYS C 88 6.77 -8.99 26.94
CA LYS C 88 8.07 -9.58 27.21
C LYS C 88 8.29 -9.79 28.70
N ARG C 89 7.78 -8.88 29.55
CA ARG C 89 7.97 -9.03 31.01
C ARG C 89 7.39 -10.42 31.35
N PHE C 90 6.28 -10.76 30.70
CA PHE C 90 5.57 -12.02 31.01
C PHE C 90 6.24 -13.23 30.35
N ARG C 91 6.53 -13.10 29.06
CA ARG C 91 7.25 -14.11 28.27
CA ARG C 91 7.19 -14.21 28.36
C ARG C 91 8.57 -14.49 28.92
N ASP C 92 9.29 -13.46 29.41
CA ASP C 92 10.61 -13.72 29.99
C ASP C 92 10.53 -14.61 31.22
N ARG C 93 9.40 -14.56 31.90
CA ARG C 93 9.20 -15.38 33.11
C ARG C 93 8.41 -16.66 32.76
N ASP C 94 8.32 -16.98 31.48
CA ASP C 94 7.67 -18.22 31.03
C ASP C 94 6.19 -18.25 31.38
N ARG C 95 5.57 -17.08 31.41
CA ARG C 95 4.11 -17.00 31.63
C ARG C 95 3.39 -17.03 30.30
N LEU C 96 2.27 -17.77 30.25
CA LEU C 96 1.35 -17.74 29.11
C LEU C 96 0.97 -16.30 28.73
N VAL C 97 1.00 -16.00 27.44
CA VAL C 97 0.50 -14.73 26.95
CA VAL C 97 0.44 -14.73 26.99
C VAL C 97 -0.56 -15.09 25.91
N ALA C 98 -1.71 -14.42 25.96
CA ALA C 98 -2.82 -14.78 25.05
C ALA C 98 -3.43 -13.51 24.47
N GLY C 99 -3.65 -13.45 23.16
CA GLY C 99 -4.27 -12.26 22.61
C GLY C 99 -5.30 -12.66 21.55
N ILE C 100 -6.42 -11.94 21.51
CA ILE C 100 -7.51 -12.28 20.59
C ILE C 100 -7.84 -11.06 19.74
N CYS C 101 -8.19 -11.30 18.47
CA CYS C 101 -8.74 -10.26 17.60
C CYS C 101 -7.62 -9.25 17.34
N ALA C 102 -7.91 -7.94 17.41
CA ALA C 102 -6.83 -6.92 17.17
C ALA C 102 -5.59 -7.13 18.08
N ALA C 103 -5.83 -7.69 19.27
CA ALA C 103 -4.75 -7.90 20.22
C ALA C 103 -3.83 -8.99 19.75
N ALA C 104 -4.34 -9.95 18.96
CA ALA C 104 -3.42 -10.96 18.40
C ALA C 104 -2.41 -10.30 17.45
N SER C 105 -2.87 -9.31 16.66
CA SER C 105 -1.96 -8.61 15.74
C SER C 105 -0.98 -7.76 16.54
N ALA C 106 -1.47 -7.17 17.63
CA ALA C 106 -0.57 -6.43 18.56
C ALA C 106 0.51 -7.34 19.13
N LEU C 107 0.18 -8.59 19.49
CA LEU C 107 1.19 -9.57 19.93
C LEU C 107 2.22 -9.81 18.80
N GLY C 108 1.77 -9.96 17.56
CA GLY C 108 2.70 -10.08 16.43
C GLY C 108 3.70 -8.94 16.37
N GLY C 109 3.26 -7.75 16.73
CA GLY C 109 4.12 -6.55 16.74
C GLY C 109 5.26 -6.63 17.74
N THR C 110 5.13 -7.53 18.72
CA THR C 110 6.13 -7.63 19.76
C THR C 110 7.20 -8.65 19.36
N GLY C 111 6.96 -9.34 18.25
CA GLY C 111 7.83 -10.40 17.77
C GLY C 111 7.55 -11.79 18.33
N VAL C 112 6.61 -11.94 19.28
CA VAL C 112 6.40 -13.24 19.94
CA VAL C 112 6.41 -13.25 19.94
C VAL C 112 5.73 -14.31 19.06
N LEU C 113 5.21 -13.89 17.89
CA LEU C 113 4.55 -14.83 17.00
C LEU C 113 5.52 -15.26 15.89
N ASN C 114 6.76 -14.77 15.96
CA ASN C 114 7.69 -15.06 14.89
C ASN C 114 8.07 -16.52 14.77
N ASP C 115 8.06 -17.24 15.91
CA ASP C 115 8.56 -18.63 15.94
C ASP C 115 7.60 -19.62 16.62
N VAL C 116 6.29 -19.30 16.67
CA VAL C 116 5.27 -20.21 17.20
C VAL C 116 4.09 -20.25 16.23
N ALA C 117 3.40 -21.39 16.16
CA ALA C 117 2.12 -21.46 15.46
C ALA C 117 1.16 -20.42 16.09
N HIS C 118 0.37 -19.76 15.23
CA HIS C 118 -0.57 -18.72 15.73
C HIS C 118 -1.63 -18.44 14.67
N THR C 119 -2.63 -17.65 15.04
CA THR C 119 -3.64 -17.18 14.12
C THR C 119 -3.99 -15.72 14.45
N GLY C 120 -5.05 -15.24 13.85
CA GLY C 120 -5.48 -13.85 14.09
C GLY C 120 -6.75 -13.61 13.32
N ASN C 121 -7.14 -12.34 13.22
CA ASN C 121 -8.30 -12.04 12.35
C ASN C 121 -8.04 -12.30 10.86
N ALA C 122 -6.80 -12.06 10.46
CA ALA C 122 -6.29 -12.27 9.11
C ALA C 122 -4.77 -12.10 9.12
N LEU C 123 -4.09 -12.75 8.19
CA LEU C 123 -2.65 -12.59 8.10
C LEU C 123 -2.35 -11.11 7.76
N ALA C 124 -3.20 -10.50 6.93
CA ALA C 124 -2.94 -9.10 6.54
C ALA C 124 -2.98 -8.18 7.82
N SER C 125 -3.77 -8.56 8.83
CA SER C 125 -3.82 -7.81 10.09
CA SER C 125 -3.83 -7.82 10.11
C SER C 125 -2.49 -7.88 10.83
N HIS C 126 -1.85 -9.05 10.83
CA HIS C 126 -0.53 -9.17 11.49
C HIS C 126 0.52 -8.38 10.73
N LYS C 127 0.40 -8.35 9.40
CA LYS C 127 1.40 -7.63 8.55
C LYS C 127 1.36 -6.11 8.69
N ALA C 128 0.39 -5.60 9.45
CA ALA C 128 0.29 -4.14 9.74
C ALA C 128 1.39 -3.67 10.73
N TYR C 129 2.07 -4.64 11.33
CA TYR C 129 3.18 -4.40 12.27
C TYR C 129 4.51 -4.74 11.64
N PRO C 130 5.40 -3.74 11.44
CA PRO C 130 6.71 -4.03 10.87
C PRO C 130 7.47 -5.16 11.50
N ALA C 131 7.34 -5.36 12.81
CA ALA C 131 8.13 -6.40 13.45
C ALA C 131 7.61 -7.80 13.27
N TYR C 132 6.38 -7.94 12.77
CA TYR C 132 5.84 -9.28 12.58
C TYR C 132 6.56 -10.00 11.41
N ARG C 133 7.16 -11.15 11.70
CA ARG C 133 7.84 -11.92 10.66
C ARG C 133 7.39 -13.37 10.75
N GLY C 134 6.22 -13.62 11.31
CA GLY C 134 5.82 -15.00 11.53
C GLY C 134 4.92 -15.61 10.48
N GLU C 135 4.84 -15.03 9.27
CA GLU C 135 3.88 -15.50 8.24
CA GLU C 135 3.81 -15.50 8.32
C GLU C 135 3.86 -17.01 8.05
N ALA C 136 5.06 -17.61 8.04
CA ALA C 136 5.22 -19.06 7.82
C ALA C 136 4.45 -19.91 8.84
N HIS C 137 4.21 -19.35 10.02
CA HIS C 137 3.56 -20.08 11.13
C HIS C 137 2.09 -19.73 11.28
N TYR C 138 1.62 -18.83 10.42
CA TYR C 138 0.23 -18.36 10.51
C TYR C 138 -0.75 -19.49 10.08
N ARG C 139 -1.73 -19.78 10.92
CA ARG C 139 -2.73 -20.81 10.60
C ARG C 139 -4.07 -20.16 10.29
N ASP C 140 -4.52 -20.30 9.06
CA ASP C 140 -5.85 -19.80 8.70
C ASP C 140 -6.89 -20.88 9.06
N GLN C 141 -7.41 -20.79 10.28
CA GLN C 141 -8.39 -21.78 10.81
C GLN C 141 -9.34 -21.03 11.72
N PRO C 142 -10.56 -21.56 11.93
CA PRO C 142 -11.52 -20.85 12.81
C PRO C 142 -11.19 -20.84 14.32
N ARG C 143 -10.56 -21.89 14.84
CA ARG C 143 -10.32 -21.98 16.31
C ARG C 143 -9.02 -21.33 16.78
N ALA C 144 -8.99 -20.96 18.08
CA ALA C 144 -7.76 -20.45 18.70
C ALA C 144 -6.58 -21.42 18.53
N VAL C 145 -5.38 -20.84 18.51
CA VAL C 145 -4.12 -21.64 18.37
C VAL C 145 -3.34 -21.46 19.65
N SER C 146 -2.68 -22.53 20.12
CA SER C 146 -1.80 -22.47 21.28
C SER C 146 -0.50 -23.17 20.97
N ASP C 147 0.59 -22.42 21.06
CA ASP C 147 1.91 -22.97 20.81
C ASP C 147 2.97 -22.18 21.55
N GLY C 148 3.87 -22.91 22.22
CA GLY C 148 5.03 -22.28 22.83
C GLY C 148 4.74 -21.28 23.92
N GLY C 149 3.59 -21.42 24.57
CA GLY C 149 3.21 -20.50 25.63
C GLY C 149 2.47 -19.27 25.14
N VAL C 150 2.03 -19.31 23.87
CA VAL C 150 1.33 -18.19 23.30
C VAL C 150 -0.01 -18.66 22.68
N VAL C 151 -1.09 -18.03 23.10
CA VAL C 151 -2.41 -18.39 22.60
C VAL C 151 -2.94 -17.20 21.78
N THR C 152 -3.40 -17.48 20.54
CA THR C 152 -3.96 -16.43 19.68
C THR C 152 -5.29 -16.89 19.13
N ALA C 153 -6.14 -15.94 18.76
CA ALA C 153 -7.46 -16.28 18.17
C ALA C 153 -7.99 -15.06 17.46
N ALA C 154 -8.91 -15.32 16.55
CA ALA C 154 -9.70 -14.28 15.88
C ALA C 154 -10.77 -13.82 16.83
N GLY C 155 -11.29 -12.60 16.64
CA GLY C 155 -12.40 -12.12 17.50
C GLY C 155 -13.66 -12.98 17.43
N SER C 156 -13.77 -13.79 16.37
CA SER C 156 -14.91 -14.71 16.20
C SER C 156 -14.78 -15.99 17.04
N ALA C 157 -13.64 -16.15 17.76
CA ALA C 157 -13.30 -17.40 18.49
C ALA C 157 -13.17 -17.27 20.01
N PRO C 158 -14.15 -16.63 20.69
CA PRO C 158 -14.03 -16.42 22.13
C PRO C 158 -14.01 -17.72 22.94
N VAL C 159 -14.75 -18.73 22.48
CA VAL C 159 -14.84 -19.97 23.27
C VAL C 159 -13.53 -20.76 23.20
N SER C 160 -13.00 -20.97 21.99
CA SER C 160 -11.75 -21.74 21.91
C SER C 160 -10.58 -20.96 22.53
N PHE C 161 -10.66 -19.62 22.45
CA PHE C 161 -9.66 -18.77 23.12
C PHE C 161 -9.66 -19.15 24.62
N ALA C 162 -10.84 -19.18 25.24
CA ALA C 162 -10.91 -19.51 26.67
C ALA C 162 -10.42 -20.93 26.94
N VAL C 163 -10.82 -21.88 26.09
CA VAL C 163 -10.43 -23.29 26.26
C VAL C 163 -8.89 -23.41 26.26
N GLU C 164 -8.25 -22.81 25.26
CA GLU C 164 -6.78 -22.90 25.13
C GLU C 164 -6.11 -22.25 26.31
N ILE C 165 -6.66 -21.14 26.83
CA ILE C 165 -6.00 -20.52 28.02
C ILE C 165 -6.08 -21.46 29.22
N LEU C 166 -7.28 -21.99 29.46
CA LEU C 166 -7.49 -22.94 30.53
C LEU C 166 -6.62 -24.19 30.40
N LYS C 167 -6.50 -24.74 29.19
CA LYS C 167 -5.62 -25.89 28.99
C LYS C 167 -4.14 -25.58 29.31
N SER C 168 -3.68 -24.41 28.85
CA SER C 168 -2.27 -24.01 29.11
C SER C 168 -2.02 -23.92 30.63
N LEU C 169 -3.05 -23.51 31.37
CA LEU C 169 -2.92 -23.30 32.81
C LEU C 169 -3.16 -24.60 33.63
N GLY C 170 -3.46 -25.68 32.92
CA GLY C 170 -3.79 -26.99 33.52
C GLY C 170 -5.09 -26.99 34.31
N LEU C 171 -6.04 -26.18 33.85
CA LEU C 171 -7.36 -25.99 34.48
C LEU C 171 -8.51 -26.57 33.64
N PHE C 172 -8.17 -27.31 32.57
CA PHE C 172 -9.22 -27.79 31.68
C PHE C 172 -9.49 -29.28 31.85
N GLY C 173 -10.13 -29.64 32.97
CA GLY C 173 -10.59 -31.02 33.20
C GLY C 173 -11.90 -31.33 32.49
N PRO C 174 -12.24 -32.64 32.37
CA PRO C 174 -13.56 -33.13 31.94
C PRO C 174 -14.75 -32.24 32.32
N GLU C 175 -14.79 -31.76 33.57
CA GLU C 175 -15.91 -30.89 33.99
C GLU C 175 -15.91 -29.50 33.35
N ALA C 176 -14.74 -28.81 33.34
CA ALA C 176 -14.60 -27.52 32.66
C ALA C 176 -14.91 -27.70 31.19
N GLU C 177 -14.53 -28.86 30.66
CA GLU C 177 -14.74 -29.20 29.27
C GLU C 177 -16.21 -29.32 28.92
N ALA C 178 -16.96 -30.06 29.73
CA ALA C 178 -18.41 -30.19 29.55
C ALA C 178 -19.09 -28.81 29.61
N GLU C 179 -18.70 -28.00 30.60
CA GLU C 179 -19.23 -26.64 30.77
C GLU C 179 -19.04 -25.75 29.54
N LEU C 180 -17.88 -25.80 28.90
CA LEU C 180 -17.63 -24.92 27.76
C LEU C 180 -18.14 -25.51 26.44
N GLN C 181 -18.31 -26.82 26.42
CA GLN C 181 -18.77 -27.50 25.20
C GLN C 181 -20.21 -27.09 24.85
N ILE C 182 -20.95 -26.66 25.87
CA ILE C 182 -22.38 -26.27 25.75
CA ILE C 182 -22.37 -26.40 25.61
C ILE C 182 -22.63 -25.19 24.70
N PHE C 183 -21.62 -24.34 24.52
CA PHE C 183 -21.74 -23.15 23.62
C PHE C 183 -21.85 -23.49 22.13
N ALA C 184 -21.51 -24.73 21.80
CA ALA C 184 -21.62 -25.15 20.41
C ALA C 184 -23.07 -25.41 19.95
N ALA C 185 -23.96 -25.82 20.87
CA ALA C 185 -25.29 -26.34 20.52
C ALA C 185 -26.13 -25.34 19.70
N GLU C 186 -26.02 -24.05 20.04
CA GLU C 186 -26.85 -23.03 19.36
C GLU C 186 -26.42 -22.78 17.90
N HIS C 187 -25.24 -23.30 17.54
CA HIS C 187 -24.70 -23.14 16.17
C HIS C 187 -24.93 -24.36 15.30
N ARG C 188 -25.68 -25.31 15.89
CA ARG C 188 -26.33 -26.48 15.27
C ARG C 188 -25.40 -27.69 15.31
#